data_3D6U
#
_entry.id   3D6U
#
_cell.length_a   102.779
_cell.length_b   102.779
_cell.length_c   70.780
_cell.angle_alpha   90.00
_cell.angle_beta   90.00
_cell.angle_gamma   90.00
#
_symmetry.space_group_name_H-M   'P 43 21 2'
#
loop_
_entity.id
_entity.type
_entity.pdbx_description
1 polymer 'Tyrosyl-tRNA synthetase'
2 non-polymer 4-[3-(TRIFLUOROMETHYL)DIAZIRIDIN-3-YL]-L-PHENYLALANINE
3 non-polymer BETA-MERCAPTOETHANOL
4 water water
#
_entity_poly.entity_id   1
_entity_poly.type   'polypeptide(L)'
_entity_poly.pdbx_seq_one_letter_code
;MDEFEMIKRNTSEIISEEELREVLKKDEKSAIIGFEPSGKIHLGHYLQIKKMIDLQNAGFDIIILLADLFAYLNQKGELD
EIRKIGDYNKKVFEAMGLKAKYVYGSSFMLDKDYTLNVYRLALKTTLKRARRSMELIAREDENPKVAEVIYPIMQVNPLH
YEGVDVAVGGMEQRKIHMLARELLPKKVVCIHNPVLTGLDGEGKMSSSKGNFIAVDDSPEEIRAKIKKAYCPAGVVEGNP
IMEIAKYFLEYPLTIKRPEKFGGDLTVNSYEELESLFKNKELHPMDLKNAVAEELIKILEPIRKRLLEHHHHHH
;
_entity_poly.pdbx_strand_id   A
#
loop_
_chem_comp.id
_chem_comp.type
_chem_comp.name
_chem_comp.formula
BME non-polymer BETA-MERCAPTOETHANOL 'C2 H6 O S'
#
# COMPACT_ATOMS: atom_id res chain seq x y z
N ASP A 2 -0.07 1.48 22.66
CA ASP A 2 1.18 2.35 22.61
C ASP A 2 1.32 2.92 21.16
N GLU A 3 1.95 4.08 21.01
CA GLU A 3 1.79 4.78 19.74
C GLU A 3 2.65 4.13 18.67
N PHE A 4 3.90 3.90 19.05
CA PHE A 4 4.87 3.22 18.25
C PHE A 4 4.33 1.88 17.77
N GLU A 5 3.73 1.13 18.70
CA GLU A 5 3.22 -0.20 18.44
C GLU A 5 2.02 -0.17 17.53
N MET A 6 1.23 0.88 17.58
CA MET A 6 0.12 0.95 16.65
C MET A 6 0.56 1.34 15.21
N ILE A 7 1.61 2.15 15.09
CA ILE A 7 2.21 2.46 13.82
C ILE A 7 2.81 1.18 13.23
N LYS A 8 3.54 0.46 14.10
CA LYS A 8 4.15 -0.82 13.76
C LYS A 8 3.15 -1.96 13.42
N ARG A 9 1.94 -1.90 13.98
CA ARG A 9 0.98 -2.97 13.70
C ARG A 9 0.83 -3.18 12.17
N ASN A 10 1.07 -4.41 11.70
CA ASN A 10 0.84 -4.81 10.32
C ASN A 10 1.79 -4.16 9.32
N THR A 11 2.96 -3.71 9.77
CA THR A 11 4.03 -3.35 8.85
C THR A 11 5.01 -4.48 8.68
N SER A 12 5.80 -4.44 7.60
CA SER A 12 6.86 -5.42 7.46
C SER A 12 8.15 -4.96 8.07
N GLU A 13 8.44 -3.67 7.98
CA GLU A 13 9.62 -3.24 8.66
C GLU A 13 9.63 -1.75 8.88
N ILE A 14 10.51 -1.31 9.76
CA ILE A 14 10.66 0.13 10.02
C ILE A 14 12.14 0.40 10.09
N ILE A 15 12.60 1.34 9.28
CA ILE A 15 13.98 1.70 9.25
C ILE A 15 14.15 3.14 9.65
N SER A 16 14.47 3.39 10.90
CA SER A 16 14.66 2.39 11.91
C SER A 16 13.73 2.74 13.01
N GLU A 17 13.47 1.75 13.84
CA GLU A 17 12.58 1.91 14.96
C GLU A 17 13.10 2.93 16.02
N GLU A 18 14.42 2.99 16.26
CA GLU A 18 14.99 4.03 17.10
C GLU A 18 14.68 5.41 16.54
N GLU A 19 14.92 5.61 15.23
CA GLU A 19 14.68 6.93 14.63
C GLU A 19 13.23 7.27 14.71
N LEU A 20 12.37 6.27 14.59
CA LEU A 20 10.98 6.50 14.67
C LEU A 20 10.62 6.95 16.06
N ARG A 21 11.33 6.41 17.07
CA ARG A 21 11.00 6.75 18.44
C ARG A 21 11.31 8.22 18.66
N GLU A 22 12.49 8.69 18.19
CA GLU A 22 12.88 10.11 18.15
C GLU A 22 11.79 10.95 17.49
N VAL A 23 11.40 10.59 16.27
CA VAL A 23 10.31 11.26 15.56
C VAL A 23 9.02 11.44 16.38
N LEU A 24 8.55 10.38 17.04
CA LEU A 24 7.29 10.47 17.76
C LEU A 24 7.27 11.44 18.96
N LYS A 25 8.42 11.77 19.52
CA LYS A 25 8.49 12.68 20.66
C LYS A 25 8.18 14.15 20.23
N LYS A 26 8.52 14.47 18.99
CA LYS A 26 8.37 15.77 18.42
C LYS A 26 6.94 16.20 18.32
N ASP A 27 6.74 17.51 18.43
CA ASP A 27 5.45 18.12 18.35
C ASP A 27 4.98 18.05 16.93
N GLU A 28 5.89 18.27 16.01
CA GLU A 28 5.47 18.33 14.65
C GLU A 28 6.23 17.31 13.84
N LYS A 29 5.47 16.52 13.07
CA LYS A 29 6.10 15.48 12.25
C LYS A 29 5.16 15.24 11.11
N SER A 30 5.75 14.88 9.98
CA SER A 30 5.00 14.58 8.81
C SER A 30 5.45 13.25 8.17
N ALA A 31 4.52 12.60 7.48
CA ALA A 31 4.73 11.31 6.90
C ALA A 31 4.23 11.46 5.48
N ILE A 32 5.05 10.99 4.54
CA ILE A 32 4.66 11.04 3.15
C ILE A 32 4.47 9.64 2.62
N ILE A 33 3.65 9.53 1.59
CA ILE A 33 3.60 8.36 0.76
C ILE A 33 3.38 8.81 -0.68
N GLY A 34 4.00 8.13 -1.65
CA GLY A 34 3.65 8.41 -3.04
C GLY A 34 2.93 7.30 -3.74
N PHE A 35 2.04 7.70 -4.66
CA PHE A 35 1.29 6.74 -5.48
C PHE A 35 1.27 7.15 -6.91
N GLU A 36 1.72 6.27 -7.81
CA GLU A 36 1.37 6.43 -9.24
C GLU A 36 -0.18 6.33 -9.36
N PRO A 37 -0.82 7.34 -9.95
CA PRO A 37 -2.25 7.33 -10.10
C PRO A 37 -2.71 6.05 -10.69
N SER A 38 -3.78 5.53 -10.13
CA SER A 38 -4.22 4.20 -10.51
C SER A 38 -5.68 4.17 -10.95
N GLY A 39 -5.94 3.47 -12.06
CA GLY A 39 -7.30 3.36 -12.63
C GLY A 39 -8.29 2.84 -11.61
N LYS A 40 -7.85 1.82 -10.88
CA LYS A 40 -8.63 1.29 -9.75
C LYS A 40 -7.82 1.34 -8.45
N ILE A 41 -8.46 1.81 -7.39
CA ILE A 41 -7.86 1.77 -6.09
C ILE A 41 -8.28 0.47 -5.40
N HIS A 42 -7.32 -0.34 -5.01
CA HIS A 42 -7.60 -1.67 -4.52
C HIS A 42 -7.18 -1.80 -3.02
N LEU A 43 -7.43 -2.96 -2.41
CA LEU A 43 -7.04 -3.20 -1.00
C LEU A 43 -5.54 -3.01 -0.74
N GLY A 44 -4.69 -3.21 -1.77
CA GLY A 44 -3.25 -2.85 -1.63
C GLY A 44 -3.05 -1.35 -1.33
N HIS A 45 -3.77 -0.50 -2.07
CA HIS A 45 -3.81 0.94 -1.78
C HIS A 45 -4.32 1.15 -0.38
N TYR A 46 -5.47 0.55 -0.08
CA TYR A 46 -6.15 0.75 1.21
C TYR A 46 -5.30 0.38 2.39
N LEU A 47 -4.62 -0.76 2.36
CA LEU A 47 -3.74 -1.13 3.47
C LEU A 47 -2.84 0.00 3.83
N GLN A 48 -2.41 0.73 2.80
CA GLN A 48 -1.35 1.69 3.00
C GLN A 48 -1.93 2.99 3.47
N ILE A 49 -3.09 3.35 2.95
CA ILE A 49 -3.81 4.51 3.46
C ILE A 49 -4.23 4.34 4.92
N LYS A 50 -4.68 3.11 5.29
CA LYS A 50 -4.90 2.72 6.73
C LYS A 50 -3.63 2.95 7.55
N LYS A 51 -2.47 2.61 7.00
CA LYS A 51 -1.27 2.92 7.75
C LYS A 51 -1.06 4.41 7.91
N MET A 52 -1.32 5.18 6.86
CA MET A 52 -1.24 6.62 6.96
C MET A 52 -2.23 7.15 7.97
N ILE A 53 -3.46 6.59 7.99
CA ILE A 53 -4.48 7.00 9.01
C ILE A 53 -3.92 6.67 10.40
N ASP A 54 -3.33 5.50 10.61
CA ASP A 54 -2.54 5.30 11.90
C ASP A 54 -1.57 6.40 12.30
N LEU A 55 -0.78 6.86 11.33
CA LEU A 55 0.18 7.92 11.51
C LEU A 55 -0.50 9.24 11.82
N GLN A 56 -1.56 9.54 11.08
CA GLN A 56 -2.37 10.72 11.28
C GLN A 56 -2.91 10.68 12.73
N ASN A 57 -3.43 9.52 13.17
CA ASN A 57 -3.90 9.34 14.58
C ASN A 57 -2.82 9.52 15.58
N ALA A 58 -1.59 9.39 15.14
CA ALA A 58 -0.47 9.50 16.06
C ALA A 58 0.12 10.90 15.95
N GLY A 59 -0.66 11.82 15.36
CA GLY A 59 -0.24 13.23 15.30
C GLY A 59 0.59 13.69 14.10
N PHE A 60 0.73 12.83 13.09
CA PHE A 60 1.60 13.17 11.95
C PHE A 60 0.76 14.00 11.01
N ASP A 61 1.39 15.00 10.36
CA ASP A 61 0.78 15.58 9.16
C ASP A 61 1.10 14.65 8.03
N ILE A 62 0.10 14.37 7.18
CA ILE A 62 0.15 13.40 6.08
C ILE A 62 0.17 14.08 4.72
N ILE A 63 1.14 13.68 3.89
CA ILE A 63 1.28 14.19 2.54
C ILE A 63 1.17 13.00 1.63
N ILE A 64 0.33 13.15 0.60
CA ILE A 64 0.10 12.14 -0.44
C ILE A 64 0.69 12.79 -1.72
N LEU A 65 1.73 12.19 -2.26
CA LEU A 65 2.22 12.55 -3.57
C LEU A 65 1.49 11.72 -4.61
N LEU A 66 0.73 12.45 -5.42
CA LEU A 66 0.05 11.94 -6.60
C LEU A 66 1.17 11.86 -7.60
N ALA A 67 1.84 10.70 -7.70
CA ALA A 67 3.20 10.67 -8.34
C ALA A 67 3.06 10.62 -9.86
N ASP A 68 2.52 11.71 -10.42
CA ASP A 68 2.12 11.71 -11.82
C ASP A 68 3.29 11.58 -12.83
N LEU A 69 4.39 12.24 -12.53
CA LEU A 69 5.54 12.16 -13.46
C LEU A 69 6.18 10.78 -13.35
N PHE A 70 6.20 10.22 -12.13
CA PHE A 70 6.61 8.85 -11.88
C PHE A 70 5.81 7.90 -12.78
N ALA A 71 4.49 7.98 -12.70
CA ALA A 71 3.62 7.19 -13.57
C ALA A 71 3.91 7.44 -15.06
N TYR A 72 4.17 8.68 -15.43
CA TYR A 72 4.50 9.02 -16.82
C TYR A 72 5.77 8.25 -17.21
N LEU A 73 6.81 8.36 -16.38
CA LEU A 73 8.04 7.65 -16.66
C LEU A 73 7.85 6.17 -16.65
N ASN A 74 6.86 5.67 -15.88
CA ASN A 74 6.61 4.22 -15.80
C ASN A 74 5.55 3.78 -16.83
N GLN A 75 5.43 4.55 -17.93
CA GLN A 75 4.58 4.18 -19.06
C GLN A 75 3.12 3.91 -18.70
N LYS A 76 2.61 4.70 -17.78
CA LYS A 76 1.20 4.66 -17.46
C LYS A 76 0.41 5.57 -18.40
N GLY A 77 1.09 6.26 -19.32
CA GLY A 77 0.43 7.05 -20.38
C GLY A 77 0.84 8.51 -20.30
N GLU A 78 -0.08 9.37 -20.67
CA GLU A 78 0.15 10.76 -20.85
C GLU A 78 -0.19 11.49 -19.57
N LEU A 79 0.47 12.62 -19.38
CA LEU A 79 0.59 13.24 -18.11
C LEU A 79 -0.70 13.87 -17.67
N ASP A 80 -1.42 14.56 -18.54
CA ASP A 80 -2.64 15.14 -18.05
C ASP A 80 -3.76 14.14 -17.78
N GLU A 81 -3.74 13.02 -18.51
CA GLU A 81 -4.57 11.86 -18.32
C GLU A 81 -4.21 11.12 -16.99
N ILE A 82 -2.91 11.02 -16.70
CA ILE A 82 -2.46 10.52 -15.41
C ILE A 82 -2.95 11.43 -14.29
N ARG A 83 -2.84 12.75 -14.49
CA ARG A 83 -3.26 13.72 -13.47
C ARG A 83 -4.75 13.72 -13.17
N LYS A 84 -5.56 13.29 -14.15
CA LYS A 84 -7.00 13.15 -13.91
C LYS A 84 -7.34 11.85 -13.15
N ILE A 85 -6.67 10.73 -13.48
CA ILE A 85 -6.60 9.55 -12.59
C ILE A 85 -6.13 9.94 -11.20
N GLY A 86 -5.08 10.75 -11.10
CA GLY A 86 -4.65 11.20 -9.77
C GLY A 86 -5.78 11.87 -9.02
N ASP A 87 -6.60 12.60 -9.74
CA ASP A 87 -7.62 13.44 -9.14
C ASP A 87 -8.75 12.58 -8.53
N TYR A 88 -9.10 11.54 -9.28
CA TYR A 88 -9.97 10.49 -8.82
C TYR A 88 -9.40 9.71 -7.61
N ASN A 89 -8.10 9.39 -7.66
CA ASN A 89 -7.44 8.69 -6.55
C ASN A 89 -7.60 9.47 -5.26
N LYS A 90 -7.35 10.77 -5.31
CA LYS A 90 -7.62 11.68 -4.19
C LYS A 90 -9.04 11.60 -3.61
N LYS A 91 -10.09 11.60 -4.44
CA LYS A 91 -11.50 11.39 -3.97
C LYS A 91 -11.60 10.05 -3.22
N VAL A 92 -11.14 8.98 -3.86
CA VAL A 92 -11.04 7.67 -3.20
C VAL A 92 -10.37 7.75 -1.82
N PHE A 93 -9.25 8.46 -1.72
CA PHE A 93 -8.48 8.51 -0.49
C PHE A 93 -9.23 9.30 0.54
N GLU A 94 -9.90 10.34 0.12
CA GLU A 94 -10.73 11.14 1.02
C GLU A 94 -11.92 10.31 1.55
N ALA A 95 -12.55 9.52 0.68
CA ALA A 95 -13.60 8.59 1.06
C ALA A 95 -13.11 7.50 1.99
N MET A 96 -11.80 7.21 2.01
CA MET A 96 -11.23 6.33 3.11
C MET A 96 -11.08 7.02 4.49
N GLY A 97 -11.39 8.31 4.54
CA GLY A 97 -11.21 9.00 5.82
C GLY A 97 -9.81 9.56 6.10
N LEU A 98 -8.95 9.59 5.07
CA LEU A 98 -7.64 10.21 5.26
C LEU A 98 -7.76 11.72 5.30
N LYS A 99 -7.09 12.32 6.28
CA LYS A 99 -6.91 13.75 6.36
C LYS A 99 -5.48 14.06 5.90
N ALA A 100 -5.35 14.61 4.70
CA ALA A 100 -4.00 14.79 4.08
C ALA A 100 -3.89 16.00 3.16
N LYS A 101 -2.66 16.46 2.91
CA LYS A 101 -2.39 17.36 1.78
C LYS A 101 -1.96 16.53 0.57
N TYR A 102 -2.59 16.76 -0.58
CA TYR A 102 -2.30 16.08 -1.82
C TYR A 102 -1.45 16.99 -2.69
N VAL A 103 -0.28 16.47 -3.13
CA VAL A 103 0.60 17.17 -4.06
C VAL A 103 0.76 16.35 -5.33
N TYR A 104 0.67 17.02 -6.47
CA TYR A 104 0.95 16.45 -7.78
C TYR A 104 2.43 16.67 -8.02
N GLY A 105 3.15 15.59 -8.41
CA GLY A 105 4.59 15.65 -8.50
C GLY A 105 5.03 16.71 -9.47
N SER A 106 4.36 16.74 -10.61
CA SER A 106 4.70 17.73 -11.71
C SER A 106 4.67 19.21 -11.28
N SER A 107 3.97 19.50 -10.18
CA SER A 107 3.89 20.88 -9.74
C SER A 107 5.24 21.35 -9.25
N PHE A 108 6.12 20.42 -8.83
CA PHE A 108 7.45 20.87 -8.42
C PHE A 108 8.64 20.12 -9.03
N MET A 109 8.39 19.02 -9.74
CA MET A 109 9.41 18.04 -10.16
C MET A 109 10.14 18.45 -11.43
N LEU A 110 9.66 19.53 -12.02
CA LEU A 110 10.22 20.12 -13.21
C LEU A 110 10.86 21.43 -12.87
N ASP A 111 11.10 21.68 -11.57
CA ASP A 111 11.78 22.86 -11.13
C ASP A 111 13.25 22.63 -11.24
N LYS A 112 13.99 23.73 -11.36
CA LYS A 112 15.38 23.70 -11.73
C LYS A 112 16.17 23.01 -10.67
N ASP A 113 15.90 23.34 -9.40
CA ASP A 113 16.58 22.69 -8.29
C ASP A 113 16.24 21.18 -8.23
N TYR A 114 14.99 20.83 -8.50
CA TYR A 114 14.59 19.42 -8.54
C TYR A 114 15.41 18.72 -9.63
N THR A 115 15.40 19.28 -10.84
CA THR A 115 16.15 18.67 -11.88
C THR A 115 17.67 18.54 -11.71
N LEU A 116 18.31 19.53 -11.09
CA LEU A 116 19.73 19.44 -10.78
C LEU A 116 20.01 18.34 -9.80
N ASN A 117 19.11 18.14 -8.84
CA ASN A 117 19.33 16.98 -7.90
C ASN A 117 19.19 15.64 -8.61
N VAL A 118 18.29 15.56 -9.58
CA VAL A 118 18.18 14.37 -10.38
C VAL A 118 19.53 14.05 -11.06
N TYR A 119 20.12 15.03 -11.69
CA TYR A 119 21.43 14.83 -12.43
C TYR A 119 22.59 14.61 -11.50
N ARG A 120 22.59 15.32 -10.36
CA ARG A 120 23.56 15.08 -9.28
C ARG A 120 23.46 13.60 -8.82
N LEU A 121 22.24 13.11 -8.59
CA LEU A 121 22.06 11.75 -8.05
C LEU A 121 22.36 10.74 -9.14
N ALA A 122 22.09 11.12 -10.40
CA ALA A 122 22.35 10.25 -11.56
C ALA A 122 23.89 9.97 -11.71
N LEU A 123 24.72 10.86 -11.20
CA LEU A 123 26.19 10.67 -11.13
C LEU A 123 26.62 9.69 -10.07
N LYS A 124 25.75 9.42 -9.10
CA LYS A 124 26.13 8.71 -7.87
C LYS A 124 25.49 7.36 -7.91
N THR A 125 24.58 7.17 -8.84
CA THR A 125 23.79 5.97 -8.85
C THR A 125 24.17 5.12 -10.07
N THR A 126 24.54 3.87 -9.84
CA THR A 126 24.89 2.98 -10.95
C THR A 126 23.66 2.59 -11.68
N LEU A 127 23.80 2.33 -12.97
CA LEU A 127 22.71 1.76 -13.71
C LEU A 127 22.28 0.37 -13.19
N LYS A 128 23.27 -0.43 -12.82
CA LYS A 128 22.97 -1.75 -12.27
C LYS A 128 22.03 -1.58 -11.03
N ARG A 129 22.43 -0.75 -10.11
CA ARG A 129 21.62 -0.50 -8.89
C ARG A 129 20.21 0.10 -9.19
N ALA A 130 20.16 1.15 -10.01
CA ALA A 130 18.87 1.68 -10.50
C ALA A 130 17.94 0.61 -11.05
N ARG A 131 18.47 -0.24 -11.92
CA ARG A 131 17.67 -1.27 -12.51
C ARG A 131 17.26 -2.30 -11.43
N ARG A 132 18.19 -2.70 -10.57
CA ARG A 132 17.79 -3.63 -9.45
C ARG A 132 16.61 -3.01 -8.61
N SER A 133 16.70 -1.72 -8.28
CA SER A 133 15.76 -1.04 -7.37
C SER A 133 14.37 -1.10 -7.98
N MET A 134 14.35 -1.25 -9.28
CA MET A 134 13.09 -1.11 -10.00
C MET A 134 12.44 -2.44 -10.37
N GLU A 135 13.08 -3.54 -10.05
CA GLU A 135 12.64 -4.87 -10.52
C GLU A 135 11.21 -5.12 -10.15
N LEU A 136 10.71 -4.59 -9.01
CA LEU A 136 9.30 -4.86 -8.67
C LEU A 136 8.37 -3.76 -9.08
N ILE A 137 8.92 -2.66 -9.63
CA ILE A 137 8.12 -1.44 -9.87
C ILE A 137 7.89 -1.25 -11.38
N ALA A 138 8.96 -1.43 -12.14
CA ALA A 138 9.03 -1.06 -13.54
C ALA A 138 7.99 -1.82 -14.31
N ARG A 139 7.22 -1.10 -15.11
CA ARG A 139 6.34 -1.72 -16.10
C ARG A 139 7.09 -2.74 -16.92
N GLU A 140 6.36 -3.79 -17.29
CA GLU A 140 6.90 -4.87 -18.12
C GLU A 140 7.35 -4.36 -19.48
N ASP A 141 8.59 -4.65 -19.82
CA ASP A 141 9.16 -4.09 -21.04
C ASP A 141 10.25 -4.97 -21.55
N GLU A 142 10.06 -5.50 -22.76
CA GLU A 142 11.10 -6.35 -23.38
C GLU A 142 12.40 -5.57 -23.73
N ASN A 143 12.24 -4.26 -23.92
CA ASN A 143 13.37 -3.39 -24.25
C ASN A 143 13.40 -2.20 -23.26
N PRO A 144 13.89 -2.44 -22.04
CA PRO A 144 13.75 -1.39 -20.96
C PRO A 144 14.26 -0.02 -21.40
N LYS A 145 13.51 1.00 -21.02
CA LYS A 145 13.74 2.41 -21.44
C LYS A 145 14.61 3.13 -20.44
N VAL A 146 15.29 4.16 -20.90
CA VAL A 146 16.04 5.03 -20.00
C VAL A 146 15.13 5.55 -18.87
N ALA A 147 13.84 5.75 -19.16
CA ALA A 147 12.88 6.24 -18.19
C ALA A 147 12.95 5.42 -16.88
N GLU A 148 13.18 4.11 -17.01
CA GLU A 148 13.22 3.18 -15.87
C GLU A 148 14.24 3.58 -14.84
N VAL A 149 15.35 4.14 -15.27
CA VAL A 149 16.43 4.33 -14.29
C VAL A 149 16.34 5.76 -13.82
N ILE A 150 15.64 6.59 -14.56
CA ILE A 150 15.42 7.97 -14.03
C ILE A 150 14.47 7.92 -12.83
N TYR A 151 13.42 7.12 -12.97
CA TYR A 151 12.39 6.95 -11.94
C TYR A 151 12.98 6.81 -10.51
N PRO A 152 13.88 5.81 -10.25
CA PRO A 152 14.32 5.68 -8.85
C PRO A 152 15.20 6.83 -8.39
N ILE A 153 15.93 7.45 -9.32
CA ILE A 153 16.66 8.54 -8.79
C ILE A 153 15.70 9.77 -8.45
N MET A 154 14.57 9.90 -9.12
CA MET A 154 13.61 10.95 -8.77
C MET A 154 13.06 10.58 -7.42
N GLN A 155 12.78 9.28 -7.21
CA GLN A 155 12.21 8.83 -5.92
C GLN A 155 13.11 9.07 -4.68
N VAL A 156 14.42 9.27 -4.91
CA VAL A 156 15.41 9.42 -3.86
C VAL A 156 15.85 10.91 -3.72
N ASN A 157 15.21 11.79 -4.50
CA ASN A 157 15.52 13.16 -4.57
C ASN A 157 15.15 13.82 -3.22
N PRO A 158 16.09 14.59 -2.63
CA PRO A 158 15.95 15.14 -1.26
C PRO A 158 14.84 16.15 -1.21
N LEU A 159 14.47 16.74 -2.33
CA LEU A 159 13.33 17.64 -2.34
C LEU A 159 11.93 17.04 -2.10
N HIS A 160 11.79 15.71 -2.26
CA HIS A 160 10.60 15.06 -1.86
C HIS A 160 10.46 14.95 -0.37
N TYR A 161 11.58 14.96 0.34
CA TYR A 161 11.65 14.62 1.76
C TYR A 161 11.99 15.79 2.66
N GLU A 162 11.97 17.00 2.10
CA GLU A 162 12.39 18.22 2.86
C GLU A 162 11.36 18.41 3.97
N GLY A 163 11.79 18.34 5.24
CA GLY A 163 10.83 18.52 6.37
C GLY A 163 9.87 17.35 6.55
N VAL A 164 10.20 16.21 5.94
CA VAL A 164 9.42 14.98 6.11
C VAL A 164 10.22 14.06 7.02
N ASP A 165 9.58 13.53 8.04
CA ASP A 165 10.26 12.63 9.00
C ASP A 165 10.24 11.14 8.62
N VAL A 166 9.21 10.75 7.90
CA VAL A 166 8.73 9.40 7.71
C VAL A 166 8.20 9.25 6.27
N ALA A 167 8.63 8.17 5.56
CA ALA A 167 8.02 7.82 4.30
C ALA A 167 7.48 6.43 4.47
N VAL A 168 6.32 6.22 3.89
CA VAL A 168 5.66 4.91 3.97
C VAL A 168 5.58 4.35 2.57
N GLY A 169 5.74 3.03 2.39
CA GLY A 169 5.54 2.40 1.06
C GLY A 169 5.52 0.90 1.23
N GLY A 170 5.28 0.19 0.12
CA GLY A 170 5.16 -1.24 0.03
C GLY A 170 6.53 -1.79 0.10
N MET A 171 6.66 -3.03 0.55
CA MET A 171 7.97 -3.66 0.51
C MET A 171 8.57 -3.68 -0.89
N GLU A 172 7.75 -3.64 -1.93
CA GLU A 172 8.32 -3.55 -3.29
C GLU A 172 9.17 -2.27 -3.47
N GLN A 173 9.01 -1.30 -2.56
CA GLN A 173 9.81 -0.08 -2.67
C GLN A 173 11.13 -0.13 -1.93
N ARG A 174 11.43 -1.22 -1.20
CA ARG A 174 12.57 -1.17 -0.28
C ARG A 174 13.92 -0.97 -0.97
N LYS A 175 14.14 -1.47 -2.18
CA LYS A 175 15.49 -1.21 -2.84
C LYS A 175 15.67 0.23 -3.23
N ILE A 176 14.61 0.89 -3.72
CA ILE A 176 14.67 2.37 -3.90
C ILE A 176 14.93 3.07 -2.56
N HIS A 177 14.26 2.64 -1.50
CA HIS A 177 14.49 3.24 -0.20
C HIS A 177 15.82 2.97 0.39
N MET A 178 16.42 1.83 0.07
CA MET A 178 17.81 1.57 0.52
C MET A 178 18.77 2.55 -0.15
N LEU A 179 18.53 2.84 -1.43
CA LEU A 179 19.25 3.88 -2.12
C LEU A 179 19.13 5.23 -1.41
N ALA A 180 17.90 5.68 -1.13
CA ALA A 180 17.66 6.98 -0.45
C ALA A 180 18.28 7.00 0.97
N ARG A 181 18.15 5.88 1.70
CA ARG A 181 18.90 5.74 2.97
C ARG A 181 20.39 6.15 2.79
N GLU A 182 21.06 5.63 1.78
CA GLU A 182 22.46 5.96 1.59
C GLU A 182 22.71 7.37 1.08
N LEU A 183 21.76 7.91 0.32
CA LEU A 183 22.05 9.09 -0.48
C LEU A 183 21.28 10.34 -0.10
N LEU A 184 20.25 10.21 0.73
CA LEU A 184 19.59 11.41 1.26
C LEU A 184 20.54 12.06 2.28
N PRO A 185 20.59 13.42 2.28
CA PRO A 185 21.46 14.09 3.23
C PRO A 185 20.89 13.94 4.66
N LYS A 186 19.60 14.18 4.86
CA LYS A 186 18.95 13.86 6.13
C LYS A 186 18.13 12.57 6.02
N LYS A 187 18.36 11.63 6.95
CA LYS A 187 17.59 10.36 7.13
C LYS A 187 16.07 10.52 7.34
N VAL A 188 15.32 9.73 6.58
CA VAL A 188 13.90 9.63 6.66
C VAL A 188 13.68 8.20 7.14
N VAL A 189 12.78 8.01 8.08
CA VAL A 189 12.35 6.71 8.49
C VAL A 189 11.47 6.12 7.36
N CYS A 190 11.80 4.90 6.94
CA CYS A 190 10.94 4.13 6.04
C CYS A 190 10.07 3.25 6.86
N ILE A 191 8.80 3.28 6.55
CA ILE A 191 7.88 2.31 7.07
C ILE A 191 7.36 1.50 5.87
N HIS A 192 7.66 0.19 5.86
CA HIS A 192 7.25 -0.62 4.75
C HIS A 192 6.14 -1.50 5.11
N ASN A 193 5.12 -1.47 4.25
CA ASN A 193 3.96 -2.30 4.37
C ASN A 193 4.12 -3.59 3.59
N PRO A 194 3.45 -4.68 4.04
CA PRO A 194 3.53 -5.96 3.27
C PRO A 194 2.79 -5.80 1.98
N VAL A 195 3.18 -6.63 1.02
CA VAL A 195 2.57 -6.65 -0.27
C VAL A 195 1.50 -7.71 -0.22
N LEU A 196 0.28 -7.35 -0.62
CA LEU A 196 -0.83 -8.30 -0.61
C LEU A 196 -0.75 -9.23 -1.79
N THR A 197 -1.03 -10.49 -1.57
CA THR A 197 -1.10 -11.49 -2.61
C THR A 197 -2.37 -11.27 -3.48
N GLY A 198 -2.29 -11.53 -4.77
CA GLY A 198 -3.46 -11.31 -5.61
C GLY A 198 -4.45 -12.41 -5.29
N LEU A 199 -5.72 -12.18 -5.63
CA LEU A 199 -6.80 -13.18 -5.39
C LEU A 199 -6.53 -14.60 -5.94
N ASP A 200 -5.82 -14.71 -7.06
CA ASP A 200 -5.50 -16.04 -7.57
C ASP A 200 -4.32 -16.73 -6.91
N GLY A 201 -3.74 -16.08 -5.90
CA GLY A 201 -2.56 -16.57 -5.20
C GLY A 201 -1.27 -16.48 -5.99
N GLU A 202 -1.32 -15.86 -7.15
CA GLU A 202 -0.32 -16.05 -8.23
C GLU A 202 0.93 -15.19 -8.11
N GLY A 203 0.72 -13.89 -7.90
CA GLY A 203 1.79 -13.02 -7.52
C GLY A 203 1.16 -12.01 -6.60
N LYS A 204 1.68 -10.79 -6.62
CA LYS A 204 1.12 -9.74 -5.81
C LYS A 204 -0.11 -9.08 -6.41
N MET A 205 -0.98 -8.62 -5.53
CA MET A 205 -2.11 -7.83 -5.94
C MET A 205 -1.61 -6.62 -6.77
N SER A 206 -2.27 -6.35 -7.90
CA SER A 206 -1.88 -5.17 -8.69
C SER A 206 -2.92 -4.76 -9.70
N SER A 207 -2.90 -3.45 -9.95
CA SER A 207 -3.84 -2.76 -10.82
C SER A 207 -3.85 -3.34 -12.23
N SER A 208 -2.68 -3.72 -12.72
CA SER A 208 -2.54 -4.22 -14.07
C SER A 208 -2.65 -5.75 -14.19
N LYS A 209 -2.67 -6.46 -13.06
CA LYS A 209 -2.79 -7.90 -13.13
C LYS A 209 -4.24 -8.43 -13.04
N GLY A 210 -5.22 -7.53 -12.91
CA GLY A 210 -6.63 -7.89 -12.58
C GLY A 210 -6.81 -8.98 -11.54
N ASN A 211 -6.19 -8.82 -10.36
CA ASN A 211 -6.25 -9.85 -9.35
C ASN A 211 -6.48 -9.23 -8.00
N PHE A 212 -7.26 -8.16 -8.04
CA PHE A 212 -7.48 -7.37 -6.86
C PHE A 212 -8.95 -7.21 -6.58
N ILE A 213 -9.27 -6.85 -5.35
CA ILE A 213 -10.58 -6.37 -5.03
C ILE A 213 -10.36 -4.87 -4.92
N ALA A 214 -11.16 -4.08 -5.63
CA ALA A 214 -11.12 -2.64 -5.60
C ALA A 214 -12.09 -2.18 -4.55
N VAL A 215 -11.76 -1.10 -3.89
CA VAL A 215 -12.57 -0.62 -2.77
C VAL A 215 -13.97 -0.20 -3.13
N ASP A 216 -14.22 -0.01 -4.45
CA ASP A 216 -15.57 0.38 -4.86
C ASP A 216 -16.22 -0.74 -5.64
N ASP A 217 -15.65 -1.94 -5.56
CA ASP A 217 -16.34 -3.11 -6.10
C ASP A 217 -17.77 -3.21 -5.52
N SER A 218 -18.71 -3.75 -6.32
CA SER A 218 -20.06 -4.01 -5.82
C SER A 218 -19.90 -5.24 -4.97
N PRO A 219 -20.76 -5.34 -3.92
CA PRO A 219 -20.92 -6.49 -3.08
C PRO A 219 -20.89 -7.80 -3.82
N GLU A 220 -21.62 -7.97 -4.92
CA GLU A 220 -21.64 -9.27 -5.63
C GLU A 220 -20.32 -9.54 -6.32
N GLU A 221 -19.77 -8.48 -6.90
CA GLU A 221 -18.42 -8.49 -7.42
C GLU A 221 -17.43 -8.89 -6.29
N ILE A 222 -17.51 -8.25 -5.14
CA ILE A 222 -16.64 -8.74 -4.05
C ILE A 222 -16.94 -10.22 -3.75
N ARG A 223 -18.24 -10.55 -3.63
CA ARG A 223 -18.61 -11.92 -3.33
C ARG A 223 -18.01 -12.83 -4.40
N ALA A 224 -18.21 -12.51 -5.68
CA ALA A 224 -17.72 -13.42 -6.74
C ALA A 224 -16.17 -13.53 -6.76
N LYS A 225 -15.52 -12.39 -6.59
CA LYS A 225 -14.04 -12.35 -6.52
C LYS A 225 -13.54 -13.21 -5.38
N ILE A 226 -14.13 -13.08 -4.21
CA ILE A 226 -13.69 -13.96 -3.11
C ILE A 226 -14.03 -15.46 -3.32
N LYS A 227 -15.23 -15.75 -3.82
CA LYS A 227 -15.55 -17.16 -4.12
C LYS A 227 -14.46 -17.79 -4.98
N LYS A 228 -13.99 -17.05 -5.98
CA LYS A 228 -12.99 -17.63 -6.89
C LYS A 228 -11.60 -17.71 -6.26
N ALA A 229 -11.34 -16.87 -5.26
CA ALA A 229 -9.97 -16.67 -4.74
C ALA A 229 -9.26 -17.96 -4.32
N TYR A 230 -7.99 -18.11 -4.69
CA TYR A 230 -7.07 -19.07 -4.05
C TYR A 230 -7.16 -18.99 -2.51
N CYS A 231 -7.48 -20.12 -1.86
CA CYS A 231 -7.70 -20.23 -0.42
C CYS A 231 -7.70 -21.69 0.03
N PRO A 232 -6.55 -22.37 -0.14
CA PRO A 232 -6.53 -23.79 0.19
C PRO A 232 -6.75 -23.96 1.66
N ALA A 233 -7.54 -24.99 1.98
CA ALA A 233 -7.71 -25.45 3.35
C ALA A 233 -6.36 -25.70 4.00
N GLY A 234 -6.23 -25.20 5.22
CA GLY A 234 -5.00 -25.39 5.99
C GLY A 234 -3.93 -24.36 5.71
N VAL A 235 -3.75 -23.98 4.45
CA VAL A 235 -2.63 -23.10 4.05
C VAL A 235 -2.86 -21.57 4.25
N VAL A 236 -1.93 -20.91 4.94
CA VAL A 236 -2.04 -19.48 5.30
C VAL A 236 -1.11 -18.59 4.45
N GLU A 237 0.06 -19.14 4.13
CA GLU A 237 1.09 -18.46 3.44
C GLU A 237 0.71 -18.27 2.01
N GLY A 238 0.47 -17.01 1.62
CA GLY A 238 0.21 -16.67 0.25
C GLY A 238 -1.25 -16.86 -0.06
N ASN A 239 -2.05 -16.92 1.00
CA ASN A 239 -3.50 -17.11 0.93
C ASN A 239 -4.13 -15.71 0.99
N PRO A 240 -4.77 -15.22 -0.08
CA PRO A 240 -5.04 -13.79 0.08
C PRO A 240 -6.27 -13.53 0.90
N ILE A 241 -7.07 -14.57 1.16
CA ILE A 241 -8.30 -14.39 1.96
C ILE A 241 -7.93 -14.21 3.43
N MET A 242 -6.92 -14.99 3.86
CA MET A 242 -6.33 -14.88 5.21
C MET A 242 -5.66 -13.51 5.44
N GLU A 243 -4.86 -13.09 4.46
CA GLU A 243 -4.28 -11.74 4.39
C GLU A 243 -5.35 -10.66 4.63
N ILE A 244 -6.51 -10.76 3.95
CA ILE A 244 -7.58 -9.77 4.12
C ILE A 244 -8.14 -9.79 5.57
N ALA A 245 -8.32 -11.00 6.09
CA ALA A 245 -8.69 -11.20 7.50
C ALA A 245 -7.69 -10.52 8.43
N LYS A 246 -6.41 -10.74 8.22
CA LYS A 246 -5.37 -10.07 9.00
C LYS A 246 -5.30 -8.56 8.86
N TYR A 247 -5.32 -8.03 7.62
CA TYR A 247 -5.07 -6.59 7.48
C TYR A 247 -6.29 -5.70 7.54
N PHE A 248 -7.47 -6.26 7.26
CA PHE A 248 -8.65 -5.42 7.17
C PHE A 248 -9.77 -5.66 8.20
N LEU A 249 -9.84 -6.85 8.80
CA LEU A 249 -10.96 -7.21 9.69
C LEU A 249 -10.85 -6.74 11.16
N GLU A 250 -12.01 -6.62 11.83
CA GLU A 250 -12.06 -6.19 13.23
C GLU A 250 -12.20 -7.42 14.09
N TYR A 251 -11.49 -7.44 15.22
CA TYR A 251 -11.68 -8.55 16.19
C TYR A 251 -12.18 -8.04 17.53
N PRO A 252 -12.99 -8.87 18.24
CA PRO A 252 -13.31 -10.26 17.87
C PRO A 252 -14.21 -10.35 16.63
N LEU A 253 -13.97 -11.40 15.85
CA LEU A 253 -14.66 -11.63 14.59
C LEU A 253 -15.66 -12.76 14.77
N THR A 254 -16.94 -12.49 14.57
CA THR A 254 -17.91 -13.58 14.77
C THR A 254 -18.39 -14.22 13.47
N ILE A 255 -17.65 -15.23 13.05
CA ILE A 255 -17.97 -16.01 11.85
C ILE A 255 -19.33 -16.78 11.91
N LYS A 256 -20.24 -16.42 11.02
CA LYS A 256 -21.50 -17.09 10.92
C LYS A 256 -21.31 -18.37 10.14
N ARG A 257 -21.85 -19.45 10.71
CA ARG A 257 -21.98 -20.73 10.00
C ARG A 257 -23.30 -21.40 10.40
N PRO A 258 -23.85 -22.25 9.51
CA PRO A 258 -24.79 -23.35 9.86
C PRO A 258 -24.29 -24.22 11.02
N GLU A 259 -25.19 -24.62 11.93
CA GLU A 259 -24.83 -25.57 13.02
C GLU A 259 -24.31 -26.94 12.48
N LYS A 260 -24.72 -27.26 11.25
CA LYS A 260 -24.22 -28.40 10.51
C LYS A 260 -22.69 -28.32 10.29
N PHE A 261 -22.16 -27.10 10.33
CA PHE A 261 -20.74 -26.90 10.11
C PHE A 261 -20.05 -26.29 11.34
N GLY A 262 -20.59 -26.57 12.52
CA GLY A 262 -20.04 -26.07 13.77
C GLY A 262 -20.84 -24.91 14.31
N GLY A 263 -21.70 -24.31 13.49
CA GLY A 263 -22.42 -23.11 13.96
C GLY A 263 -21.51 -21.90 14.11
N ASP A 264 -22.07 -20.80 14.61
CA ASP A 264 -21.32 -19.53 14.76
C ASP A 264 -20.01 -19.66 15.53
N LEU A 265 -18.97 -19.05 14.99
CA LEU A 265 -17.63 -19.11 15.53
C LEU A 265 -17.16 -17.69 15.85
N THR A 266 -16.80 -17.45 17.11
CA THR A 266 -16.33 -16.14 17.56
C THR A 266 -14.80 -16.13 17.79
N VAL A 267 -14.05 -15.55 16.84
CA VAL A 267 -12.60 -15.47 16.90
C VAL A 267 -12.09 -14.12 17.46
N ASN A 268 -11.29 -14.19 18.51
CA ASN A 268 -10.92 -13.00 19.25
C ASN A 268 -9.71 -12.30 18.70
N SER A 269 -8.97 -13.02 17.86
CA SER A 269 -7.83 -12.46 17.20
C SER A 269 -7.57 -13.17 15.88
N TYR A 270 -6.93 -12.45 14.96
CA TYR A 270 -6.43 -13.05 13.76
C TYR A 270 -5.51 -14.27 14.02
N GLU A 271 -4.59 -14.16 14.98
CA GLU A 271 -3.76 -15.35 15.34
C GLU A 271 -4.66 -16.52 15.77
N GLU A 272 -5.72 -16.24 16.52
CA GLU A 272 -6.68 -17.30 16.80
C GLU A 272 -7.28 -17.89 15.51
N LEU A 273 -7.75 -17.01 14.62
CA LEU A 273 -8.24 -17.38 13.27
C LEU A 273 -7.21 -18.15 12.47
N GLU A 274 -5.95 -17.75 12.61
CA GLU A 274 -4.90 -18.43 11.91
C GLU A 274 -4.76 -19.87 12.40
N SER A 275 -4.77 -20.11 13.70
CA SER A 275 -4.71 -21.52 14.16
C SER A 275 -5.96 -22.36 13.82
N LEU A 276 -7.15 -21.79 13.99
CA LEU A 276 -8.38 -22.47 13.62
C LEU A 276 -8.41 -22.90 12.15
N PHE A 277 -7.96 -21.99 11.27
CA PHE A 277 -7.82 -22.28 9.84
C PHE A 277 -6.69 -23.27 9.52
N LYS A 278 -5.55 -23.10 10.19
CA LYS A 278 -4.36 -23.93 9.98
C LYS A 278 -4.53 -25.39 10.42
N ASN A 279 -5.23 -25.64 11.51
CA ASN A 279 -5.49 -27.04 11.91
C ASN A 279 -6.82 -27.60 11.36
N LYS A 280 -7.70 -26.67 10.99
CA LYS A 280 -8.78 -26.91 10.02
C LYS A 280 -10.16 -26.94 10.63
N GLU A 281 -10.35 -26.17 11.71
CA GLU A 281 -11.65 -26.08 12.37
C GLU A 281 -12.47 -25.03 11.64
N LEU A 282 -11.83 -24.40 10.64
CA LEU A 282 -12.43 -23.37 9.81
C LEU A 282 -12.17 -23.69 8.35
N HIS A 283 -13.27 -23.92 7.65
CA HIS A 283 -13.23 -24.21 6.22
C HIS A 283 -13.06 -22.93 5.39
N PRO A 284 -12.29 -22.99 4.28
CA PRO A 284 -12.26 -21.93 3.26
C PRO A 284 -13.56 -21.18 3.05
N MET A 285 -14.65 -21.94 2.83
CA MET A 285 -15.94 -21.43 2.40
C MET A 285 -16.58 -20.57 3.50
N ASP A 286 -16.39 -20.94 4.76
CA ASP A 286 -16.92 -20.11 5.86
C ASP A 286 -16.04 -18.88 6.14
N LEU A 287 -14.72 -19.04 6.01
CA LEU A 287 -13.77 -17.90 6.06
C LEU A 287 -14.14 -16.86 4.95
N LYS A 288 -14.18 -17.35 3.72
CA LYS A 288 -14.66 -16.56 2.59
C LYS A 288 -15.98 -15.85 2.83
N ASN A 289 -17.04 -16.54 3.25
CA ASN A 289 -18.31 -15.84 3.40
C ASN A 289 -18.17 -14.72 4.41
N ALA A 290 -17.45 -15.04 5.48
CA ALA A 290 -17.20 -14.07 6.58
C ALA A 290 -16.33 -12.89 6.08
N VAL A 291 -15.31 -13.21 5.31
CA VAL A 291 -14.35 -12.21 4.82
C VAL A 291 -15.07 -11.31 3.81
N ALA A 292 -15.79 -11.95 2.90
CA ALA A 292 -16.56 -11.25 1.92
C ALA A 292 -17.56 -10.38 2.62
N GLU A 293 -18.25 -10.89 3.63
CA GLU A 293 -19.26 -10.05 4.27
C GLU A 293 -18.69 -8.93 5.15
N GLU A 294 -17.63 -9.19 5.85
CA GLU A 294 -17.04 -8.10 6.62
C GLU A 294 -16.31 -7.10 5.69
N LEU A 295 -15.66 -7.61 4.65
CA LEU A 295 -15.01 -6.73 3.65
C LEU A 295 -16.09 -5.80 3.02
N ILE A 296 -17.22 -6.37 2.59
CA ILE A 296 -18.32 -5.55 2.04
C ILE A 296 -18.74 -4.44 3.03
N LYS A 297 -18.94 -4.79 4.29
CA LYS A 297 -19.29 -3.79 5.25
C LYS A 297 -18.19 -2.76 5.41
N ILE A 298 -16.95 -3.20 5.39
CA ILE A 298 -15.80 -2.26 5.58
C ILE A 298 -15.72 -1.28 4.41
N LEU A 299 -15.91 -1.80 3.18
CA LEU A 299 -15.85 -0.99 1.96
C LEU A 299 -17.03 -0.08 1.71
N GLU A 300 -18.22 -0.44 2.18
CA GLU A 300 -19.42 0.23 1.70
C GLU A 300 -19.54 1.74 1.97
N PRO A 301 -19.06 2.22 3.16
CA PRO A 301 -19.09 3.67 3.20
C PRO A 301 -18.18 4.33 2.09
N ILE A 302 -17.18 3.61 1.61
CA ILE A 302 -16.26 4.19 0.68
C ILE A 302 -16.93 4.18 -0.67
N ARG A 303 -17.50 3.03 -1.06
CA ARG A 303 -18.28 2.93 -2.32
C ARG A 303 -19.42 3.97 -2.36
N LYS A 304 -20.09 4.15 -1.21
CA LYS A 304 -21.22 5.10 -1.05
C LYS A 304 -20.75 6.50 -1.35
N ARG A 305 -19.73 6.96 -0.62
CA ARG A 305 -19.14 8.25 -0.95
C ARG A 305 -18.71 8.41 -2.45
N LEU A 306 -18.16 7.36 -3.05
CA LEU A 306 -17.72 7.44 -4.44
C LEU A 306 -18.91 7.47 -5.40
N LEU A 307 -20.01 6.85 -4.98
CA LEU A 307 -21.25 6.85 -5.78
C LEU A 307 -22.15 8.02 -5.36
F17 T11 B . 8.01 11.42 -1.51
C14 T11 B . 7.53 10.29 -2.01
F15 T11 B . 7.61 9.40 -1.08
F16 T11 B . 6.25 10.40 -2.26
C13 T11 B . 8.31 9.72 -3.19
N19 T11 B . 9.70 10.10 -3.36
N18 T11 B . 8.89 10.64 -4.14
C1 T11 B . 7.59 8.72 -4.04
C6 T11 B . 7.26 8.97 -5.36
C5 T11 B . 6.56 7.99 -6.07
C4 T11 B . 6.25 6.78 -5.46
C3 T11 B . 6.60 6.53 -4.12
C2 T11 B . 7.29 7.51 -3.44
C7 T11 B . 5.50 5.71 -6.23
CA T11 B . 6.08 4.34 -5.96
N T11 B . 7.42 4.13 -6.52
C T11 B . 5.14 3.38 -6.63
O T11 B . 5.63 2.24 -6.99
OXT T11 B . 3.97 3.76 -6.82
C1 BME C . 13.38 7.49 1.66
C2 BME C . 12.18 6.77 2.24
O1 BME C . 12.89 7.70 0.33
S2 BME C . 12.65 5.78 3.66
#